data_3ACJ
#
_entry.id   3ACJ
#
_cell.length_a   42.233
_cell.length_b   73.671
_cell.length_c   92.719
_cell.angle_alpha   90.00
_cell.angle_beta   90.00
_cell.angle_gamma   90.00
#
_symmetry.space_group_name_H-M   'P 21 21 21'
#
loop_
_entity.id
_entity.type
_entity.pdbx_description
1 polymer 'Proto-oncogene tyrosine-protein kinase LCK'
2 non-polymer 'SULFATE ION'
3 non-polymer 'DIMETHYL SULFOXIDE'
4 non-polymer 7-(3,4-dimethoxyphenyl)-5-(ethylsulfanyl)imidazo[1,2-c]pyrimidine
5 water water
#
_entity_poly.entity_id   1
_entity_poly.type   'polypeptide(L)'
_entity_poly.pdbx_seq_one_letter_code
;QTQKPQKPWWEDEWEVPRETLKLVERLGAGQFGEVWMGYYNGHTKVAVKSLKQGSMSPDAFLAEANLMKQLQHQRLVRLY
AVVTQEPIYIITEYMENGSLVDFLKTPSGIKLTINKLLDMAAQIAEGMAFIEERNYIHRDLRAANILVSDTLSCKIADFG
LARLIEDNE(PTR)TAREGAKFPIKWTAPEAINYGTFTIKSDVWSFGILLTEIVTHGRIPYPGMTNPEVIQNLERGYRMV
RPDNCPEELYQLMRLCWKERPEDRPTFDYLRSVLEDFFTATEGQYQPQP
;
_entity_poly.pdbx_strand_id   A
#
loop_
_chem_comp.id
_chem_comp.type
_chem_comp.name
_chem_comp.formula
DMS non-polymer 'DIMETHYL SULFOXIDE' 'C2 H6 O S'
KSS non-polymer 7-(3,4-dimethoxyphenyl)-5-(ethylsulfanyl)imidazo[1,2-c]pyrimidine 'C16 H17 N3 O2 S'
SO4 non-polymer 'SULFATE ION' 'O4 S -2'
#
# COMPACT_ATOMS: atom_id res chain seq x y z
N LYS A 7 14.60 20.19 -9.07
CA LYS A 7 15.40 20.32 -10.32
C LYS A 7 14.48 20.45 -11.53
N PRO A 8 14.82 21.35 -12.49
CA PRO A 8 13.96 21.55 -13.64
C PRO A 8 13.99 20.33 -14.56
N TRP A 9 12.95 20.17 -15.36
CA TRP A 9 12.83 18.99 -16.22
C TRP A 9 14.05 18.74 -17.12
N TRP A 10 14.76 19.79 -17.53
CA TRP A 10 15.87 19.58 -18.46
C TRP A 10 17.12 19.11 -17.73
N GLU A 11 17.06 19.10 -16.40
CA GLU A 11 18.15 18.57 -15.57
C GLU A 11 17.78 17.35 -14.71
N ASP A 12 16.48 17.11 -14.54
CA ASP A 12 15.98 16.00 -13.74
C ASP A 12 16.41 14.66 -14.38
N GLU A 13 17.11 13.83 -13.61
CA GLU A 13 17.49 12.48 -14.07
C GLU A 13 16.32 11.54 -14.35
N TRP A 14 15.16 11.81 -13.75
CA TRP A 14 13.97 10.99 -13.94
C TRP A 14 13.18 11.30 -15.22
N GLU A 15 13.40 12.47 -15.81
CA GLU A 15 12.70 12.86 -17.04
C GLU A 15 13.16 12.03 -18.24
N VAL A 16 12.21 11.49 -19.00
CA VAL A 16 12.56 10.82 -20.27
C VAL A 16 11.72 11.39 -21.42
N PRO A 17 12.31 11.41 -22.63
CA PRO A 17 11.51 11.75 -23.82
C PRO A 17 10.32 10.78 -23.89
N ARG A 18 9.14 11.28 -24.26
CA ARG A 18 7.95 10.42 -24.42
C ARG A 18 8.15 9.30 -25.45
N GLU A 19 9.04 9.55 -26.40
CA GLU A 19 9.34 8.60 -27.48
C GLU A 19 9.99 7.28 -26.98
N THR A 20 10.57 7.29 -25.78
CA THR A 20 11.24 6.08 -25.24
C THR A 20 10.16 5.05 -24.81
N LEU A 21 8.91 5.47 -24.82
CA LEU A 21 7.85 4.65 -24.23
C LEU A 21 6.81 4.13 -25.24
N LYS A 22 6.46 2.86 -25.11
CA LYS A 22 5.45 2.32 -25.98
C LYS A 22 4.44 1.64 -25.10
N LEU A 23 3.23 2.18 -25.08
CA LEU A 23 2.14 1.65 -24.26
C LEU A 23 1.47 0.48 -24.97
N VAL A 24 1.48 -0.69 -24.33
CA VAL A 24 1.05 -1.88 -25.02
C VAL A 24 -0.33 -2.35 -24.60
N GLU A 25 -0.59 -2.39 -23.30
CA GLU A 25 -1.81 -2.99 -22.77
C GLU A 25 -2.36 -2.13 -21.62
N ARG A 26 -3.59 -1.69 -21.76
CA ARG A 26 -4.21 -0.92 -20.70
C ARG A 26 -4.63 -1.83 -19.55
N LEU A 27 -4.11 -1.54 -18.37
CA LEU A 27 -4.38 -2.35 -17.17
C LEU A 27 -5.52 -1.76 -16.35
N GLY A 28 -5.69 -0.45 -16.45
CA GLY A 28 -6.80 0.25 -15.76
C GLY A 28 -7.12 1.63 -16.32
N ALA A 29 -8.35 2.05 -16.08
CA ALA A 29 -8.82 3.38 -16.46
C ALA A 29 -9.77 3.89 -15.38
N GLY A 30 -9.61 5.16 -15.03
CA GLY A 30 -10.43 5.73 -13.96
C GLY A 30 -10.73 7.18 -14.23
N GLN A 31 -11.25 7.85 -13.21
CA GLN A 31 -11.59 9.27 -13.28
C GLN A 31 -10.39 10.16 -13.63
N PHE A 32 -9.19 9.76 -13.19
CA PHE A 32 -8.03 10.65 -13.26
C PHE A 32 -6.95 10.21 -14.23
N GLY A 33 -7.24 9.15 -15.00
CA GLY A 33 -6.34 8.66 -16.03
C GLY A 33 -6.26 7.14 -16.15
N GLU A 34 -5.20 6.68 -16.81
CA GLU A 34 -5.06 5.28 -17.17
C GLU A 34 -3.72 4.74 -16.64
N VAL A 35 -3.65 3.41 -16.52
CA VAL A 35 -2.42 2.71 -16.22
C VAL A 35 -2.24 1.64 -17.29
N TRP A 36 -1.08 1.65 -17.93
CA TRP A 36 -0.76 0.75 -19.00
C TRP A 36 0.47 -0.08 -18.67
N MET A 37 0.55 -1.28 -19.23
CA MET A 37 1.80 -2.01 -19.30
C MET A 37 2.47 -1.54 -20.56
N GLY A 38 3.78 -1.29 -20.47
CA GLY A 38 4.50 -0.83 -21.63
C GLY A 38 5.97 -1.20 -21.59
N TYR A 39 6.72 -0.66 -22.55
CA TYR A 39 8.15 -0.90 -22.70
C TYR A 39 8.88 0.44 -22.81
N TYR A 40 9.99 0.52 -22.08
CA TYR A 40 10.94 1.60 -22.18
C TYR A 40 12.09 1.12 -23.06
N ASN A 41 12.44 1.93 -24.06
CA ASN A 41 13.48 1.61 -25.02
C ASN A 41 13.37 0.18 -25.55
N GLY A 42 12.14 -0.27 -25.80
CA GLY A 42 11.91 -1.54 -26.53
C GLY A 42 11.87 -2.79 -25.68
N HIS A 43 12.72 -2.86 -24.66
CA HIS A 43 13.04 -4.10 -23.96
C HIS A 43 12.62 -4.23 -22.50
N THR A 44 12.37 -3.09 -21.85
CA THR A 44 12.18 -3.10 -20.41
C THR A 44 10.73 -2.84 -20.06
N LYS A 45 10.06 -3.82 -19.47
CA LYS A 45 8.66 -3.71 -19.17
C LYS A 45 8.45 -2.75 -17.99
N VAL A 46 7.49 -1.85 -18.14
CA VAL A 46 7.23 -0.84 -17.13
C VAL A 46 5.73 -0.67 -17.01
N ALA A 47 5.30 -0.10 -15.89
CA ALA A 47 3.93 0.38 -15.79
C ALA A 47 3.95 1.90 -16.00
N VAL A 48 2.96 2.42 -16.73
CA VAL A 48 2.87 3.85 -17.07
C VAL A 48 1.50 4.35 -16.63
N LYS A 49 1.50 5.27 -15.66
CA LYS A 49 0.28 5.97 -15.26
C LYS A 49 0.16 7.34 -15.98
N SER A 50 -0.97 7.56 -16.64
CA SER A 50 -1.22 8.83 -17.35
C SER A 50 -2.26 9.69 -16.67
N LEU A 51 -2.07 11.01 -16.79
CA LEU A 51 -3.03 11.93 -16.22
C LEU A 51 -4.06 12.38 -17.27
N LYS A 52 -5.32 12.15 -16.97
CA LYS A 52 -6.41 12.69 -17.80
C LYS A 52 -6.46 14.23 -17.62
N GLN A 53 -6.13 14.93 -18.70
CA GLN A 53 -6.01 16.38 -18.70
C GLN A 53 -7.27 17.00 -18.13
N GLY A 54 -7.09 17.88 -17.16
CA GLY A 54 -8.22 18.57 -16.55
C GLY A 54 -8.94 17.81 -15.44
N SER A 55 -8.59 16.53 -15.23
CA SER A 55 -9.23 15.73 -14.17
C SER A 55 -8.85 16.15 -12.76
N MET A 56 -7.63 16.67 -12.64
CA MET A 56 -7.05 17.06 -11.37
C MET A 56 -5.76 17.82 -11.71
N SER A 57 -5.20 18.54 -10.74
CA SER A 57 -3.98 19.36 -10.94
C SER A 57 -2.78 18.52 -11.36
N PRO A 58 -1.99 18.99 -12.33
CA PRO A 58 -0.78 18.25 -12.68
C PRO A 58 0.24 18.29 -11.55
N ASP A 59 0.20 19.37 -10.77
CA ASP A 59 1.05 19.50 -9.58
C ASP A 59 0.71 18.43 -8.58
N ALA A 60 -0.58 18.23 -8.32
CA ALA A 60 -1.03 17.18 -7.41
C ALA A 60 -0.64 15.81 -7.95
N PHE A 61 -0.91 15.56 -9.24
CA PHE A 61 -0.49 14.30 -9.88
C PHE A 61 1.00 14.00 -9.69
N LEU A 62 1.87 14.96 -10.05
CA LEU A 62 3.32 14.79 -9.91
C LEU A 62 3.92 14.71 -8.51
N ALA A 63 3.23 15.24 -7.51
CA ALA A 63 3.71 15.10 -6.14
C ALA A 63 3.91 13.62 -5.73
N GLU A 64 3.13 12.72 -6.32
CA GLU A 64 3.33 11.28 -6.06
C GLU A 64 4.71 10.82 -6.49
N ALA A 65 5.10 11.17 -7.73
CA ALA A 65 6.42 10.81 -8.21
C ALA A 65 7.52 11.48 -7.38
N ASN A 66 7.29 12.72 -6.95
CA ASN A 66 8.31 13.43 -6.13
C ASN A 66 8.56 12.76 -4.78
N LEU A 67 7.50 12.26 -4.18
CA LEU A 67 7.67 11.47 -2.96
C LEU A 67 8.51 10.20 -3.23
N MET A 68 8.17 9.48 -4.30
CA MET A 68 8.88 8.25 -4.65
C MET A 68 10.37 8.45 -4.85
N LYS A 69 10.77 9.62 -5.36
CA LYS A 69 12.20 9.95 -5.42
C LYS A 69 12.90 9.87 -4.05
N GLN A 70 12.17 10.10 -2.96
CA GLN A 70 12.72 10.10 -1.58
C GLN A 70 12.53 8.78 -0.82
N LEU A 71 11.95 7.78 -1.47
CA LEU A 71 11.59 6.55 -0.78
C LEU A 71 11.97 5.36 -1.62
N GLN A 72 13.27 5.14 -1.77
CA GLN A 72 13.78 4.08 -2.63
C GLN A 72 14.25 2.89 -1.80
N HIS A 73 13.72 1.70 -2.12
CA HIS A 73 14.06 0.49 -1.38
C HIS A 73 13.54 -0.76 -2.11
N GLN A 74 14.23 -1.91 -1.99
CA GLN A 74 13.79 -3.14 -2.68
C GLN A 74 12.31 -3.43 -2.41
N ARG A 75 11.83 -3.09 -1.21
CA ARG A 75 10.46 -3.47 -0.82
C ARG A 75 9.35 -2.51 -1.23
N LEU A 76 9.73 -1.39 -1.89
CA LEU A 76 8.79 -0.37 -2.37
C LEU A 76 8.86 -0.28 -3.91
N VAL A 77 7.69 -0.21 -4.54
CA VAL A 77 7.61 -0.05 -6.01
C VAL A 77 8.43 1.18 -6.38
N ARG A 78 9.35 1.00 -7.33
CA ARG A 78 10.39 1.99 -7.63
C ARG A 78 9.97 2.96 -8.74
N LEU A 79 10.13 4.26 -8.51
CA LEU A 79 9.97 5.21 -9.59
C LEU A 79 10.95 4.93 -10.69
N TYR A 80 10.41 4.80 -11.90
CA TYR A 80 11.23 4.58 -13.08
C TYR A 80 11.54 5.90 -13.86
N ALA A 81 10.53 6.73 -14.12
CA ALA A 81 10.74 8.00 -14.88
C ALA A 81 9.49 8.86 -14.87
N VAL A 82 9.59 10.10 -15.36
CA VAL A 82 8.43 10.96 -15.54
C VAL A 82 8.47 11.58 -16.93
N VAL A 83 7.29 11.91 -17.49
CA VAL A 83 7.19 12.78 -18.65
C VAL A 83 6.33 13.98 -18.20
N THR A 84 6.96 15.15 -18.07
CA THR A 84 6.31 16.26 -17.39
C THR A 84 5.61 17.29 -18.31
N GLN A 85 5.37 16.90 -19.56
CA GLN A 85 4.54 17.66 -20.49
C GLN A 85 3.30 16.82 -20.84
N GLU A 86 2.17 17.48 -21.09
CA GLU A 86 0.88 16.83 -21.27
C GLU A 86 0.80 15.89 -22.48
N PRO A 87 0.20 14.70 -22.31
CA PRO A 87 -0.31 14.24 -21.01
C PRO A 87 0.82 13.70 -20.13
N ILE A 88 0.78 14.03 -18.83
CA ILE A 88 1.79 13.66 -17.83
C ILE A 88 1.79 12.16 -17.57
N TYR A 89 2.97 11.56 -17.53
CA TYR A 89 3.12 10.14 -17.22
C TYR A 89 4.00 10.03 -15.98
N ILE A 90 3.64 9.12 -15.07
CA ILE A 90 4.52 8.62 -14.02
C ILE A 90 4.81 7.16 -14.35
N ILE A 91 6.08 6.85 -14.61
CA ILE A 91 6.45 5.51 -15.06
C ILE A 91 7.12 4.76 -13.90
N THR A 92 6.67 3.54 -13.61
CA THR A 92 7.17 2.82 -12.43
C THR A 92 7.59 1.38 -12.72
N GLU A 93 8.19 0.75 -11.71
CA GLU A 93 8.56 -0.66 -11.71
C GLU A 93 7.30 -1.51 -12.01
N TYR A 94 7.40 -2.42 -12.96
CA TYR A 94 6.27 -3.27 -13.30
C TYR A 94 6.18 -4.49 -12.39
N MET A 95 4.99 -4.78 -11.90
CA MET A 95 4.79 -5.91 -10.99
C MET A 95 3.83 -6.90 -11.65
N GLU A 96 4.37 -8.04 -12.03
CA GLU A 96 3.75 -8.94 -12.96
C GLU A 96 2.49 -9.63 -12.43
N ASN A 97 2.42 -9.90 -11.12
CA ASN A 97 1.22 -10.54 -10.56
C ASN A 97 0.20 -9.58 -10.03
N GLY A 98 0.40 -8.30 -10.31
CA GLY A 98 -0.62 -7.27 -10.06
C GLY A 98 -0.85 -7.01 -8.59
N SER A 99 -2.08 -6.64 -8.25
CA SER A 99 -2.51 -6.37 -6.87
C SER A 99 -2.58 -7.64 -6.01
N LEU A 100 -2.14 -7.56 -4.74
CA LEU A 100 -2.17 -8.73 -3.85
C LEU A 100 -3.62 -9.20 -3.65
N VAL A 101 -4.52 -8.23 -3.47
CA VAL A 101 -5.92 -8.52 -3.36
C VAL A 101 -6.47 -9.33 -4.55
N ASP A 102 -6.01 -9.03 -5.77
CA ASP A 102 -6.38 -9.82 -6.95
C ASP A 102 -5.64 -11.16 -7.00
N PHE A 103 -4.33 -11.13 -6.73
CA PHE A 103 -3.51 -12.32 -6.92
C PHE A 103 -3.90 -13.49 -6.01
N LEU A 104 -4.37 -13.16 -4.82
CA LEU A 104 -4.77 -14.12 -3.81
C LEU A 104 -6.02 -14.89 -4.20
N LYS A 105 -6.69 -14.42 -5.25
CA LYS A 105 -7.92 -15.04 -5.72
C LYS A 105 -7.67 -15.90 -6.95
N THR A 106 -6.56 -15.69 -7.63
CA THR A 106 -6.23 -16.49 -8.83
C THR A 106 -5.91 -17.94 -8.40
N PRO A 107 -5.89 -18.90 -9.35
CA PRO A 107 -5.52 -20.31 -9.08
C PRO A 107 -4.19 -20.45 -8.34
N SER A 108 -3.13 -19.78 -8.80
CA SER A 108 -1.84 -19.71 -8.09
C SER A 108 -2.01 -19.22 -6.64
N GLY A 109 -2.63 -18.05 -6.44
CA GLY A 109 -2.76 -17.47 -5.11
C GLY A 109 -3.57 -18.38 -4.19
N ILE A 110 -4.61 -19.00 -4.73
CA ILE A 110 -5.40 -20.01 -4.03
C ILE A 110 -4.57 -21.17 -3.46
N LYS A 111 -3.57 -21.62 -4.19
CA LYS A 111 -2.78 -22.77 -3.74
C LYS A 111 -1.70 -22.46 -2.66
N LEU A 112 -1.45 -21.17 -2.38
CA LEU A 112 -0.41 -20.76 -1.40
C LEU A 112 -0.63 -21.33 -0.01
N THR A 113 0.44 -21.85 0.60
CA THR A 113 0.37 -22.40 1.97
C THR A 113 0.36 -21.22 2.95
N ILE A 114 -0.12 -21.47 4.17
CA ILE A 114 -0.01 -20.45 5.23
C ILE A 114 1.45 -19.95 5.43
N ASN A 115 2.41 -20.83 5.22
CA ASN A 115 3.83 -20.51 5.27
C ASN A 115 4.20 -19.37 4.29
N LYS A 116 3.72 -19.47 3.05
CA LYS A 116 4.02 -18.47 2.03
C LYS A 116 3.25 -17.16 2.33
N LEU A 117 2.07 -17.28 2.91
CA LEU A 117 1.29 -16.11 3.31
C LEU A 117 2.01 -15.30 4.41
N LEU A 118 2.63 -16.03 5.35
CA LEU A 118 3.33 -15.42 6.47
C LEU A 118 4.59 -14.75 5.98
N ASP A 119 5.26 -15.38 5.02
CA ASP A 119 6.43 -14.83 4.29
C ASP A 119 6.09 -13.45 3.67
N MET A 120 5.07 -13.44 2.82
CA MET A 120 4.54 -12.23 2.22
C MET A 120 4.15 -11.17 3.26
N ALA A 121 3.42 -11.55 4.32
CA ALA A 121 3.17 -10.61 5.42
C ALA A 121 4.46 -9.94 5.94
N ALA A 122 5.53 -10.72 6.10
CA ALA A 122 6.83 -10.20 6.57
C ALA A 122 7.55 -9.31 5.56
N GLN A 123 7.47 -9.63 4.27
CA GLN A 123 7.99 -8.71 3.23
C GLN A 123 7.30 -7.34 3.28
N ILE A 124 5.99 -7.35 3.48
CA ILE A 124 5.19 -6.12 3.57
C ILE A 124 5.56 -5.28 4.78
N ALA A 125 5.64 -5.93 5.94
CA ALA A 125 6.15 -5.30 7.15
C ALA A 125 7.55 -4.72 6.99
N GLU A 126 8.41 -5.41 6.26
CA GLU A 126 9.79 -4.97 6.02
C GLU A 126 9.81 -3.68 5.21
N GLY A 127 8.91 -3.59 4.22
CA GLY A 127 8.74 -2.38 3.47
C GLY A 127 8.24 -1.24 4.35
N MET A 128 7.24 -1.52 5.16
CA MET A 128 6.72 -0.48 6.08
C MET A 128 7.76 -0.08 7.15
N ALA A 129 8.72 -0.98 7.46
CA ALA A 129 9.72 -0.66 8.48
C ALA A 129 10.69 0.40 7.93
N PHE A 130 10.99 0.30 6.64
CA PHE A 130 11.73 1.35 5.90
C PHE A 130 11.02 2.71 5.93
N ILE A 131 9.74 2.70 5.59
CA ILE A 131 8.93 3.90 5.56
C ILE A 131 8.91 4.54 6.94
N GLU A 132 8.70 3.71 7.96
CA GLU A 132 8.78 4.11 9.35
C GLU A 132 10.14 4.75 9.70
N GLU A 133 11.23 4.07 9.37
CA GLU A 133 12.54 4.63 9.69
C GLU A 133 12.82 5.96 8.98
N ARG A 134 12.25 6.17 7.79
CA ARG A 134 12.49 7.39 6.98
C ARG A 134 11.59 8.56 7.36
N ASN A 135 10.79 8.37 8.40
CA ASN A 135 9.84 9.38 8.87
C ASN A 135 8.63 9.64 7.96
N TYR A 136 8.25 8.63 7.17
CA TYR A 136 7.06 8.74 6.35
C TYR A 136 5.88 7.99 6.93
N ILE A 137 4.70 8.27 6.40
CA ILE A 137 3.53 7.44 6.69
C ILE A 137 2.95 7.16 5.33
N HIS A 138 2.18 6.08 5.20
CA HIS A 138 1.57 5.71 3.93
C HIS A 138 0.09 6.16 3.84
N ARG A 139 -0.67 5.89 4.91
CA ARG A 139 -2.10 6.24 4.98
C ARG A 139 -3.10 5.50 4.05
N ASP A 140 -2.61 4.67 3.13
CA ASP A 140 -3.48 3.92 2.20
C ASP A 140 -3.01 2.44 2.12
N LEU A 141 -2.63 1.91 3.28
CA LEU A 141 -2.06 0.58 3.35
C LEU A 141 -3.16 -0.48 3.41
N ARG A 142 -3.13 -1.39 2.44
CA ARG A 142 -4.20 -2.35 2.25
C ARG A 142 -3.76 -3.25 1.10
N ALA A 143 -4.34 -4.46 1.01
CA ALA A 143 -3.90 -5.44 0.01
C ALA A 143 -3.98 -4.96 -1.43
N ALA A 144 -4.91 -4.05 -1.73
CA ALA A 144 -5.03 -3.45 -3.08
C ALA A 144 -3.79 -2.64 -3.42
N ASN A 145 -3.09 -2.18 -2.37
CA ASN A 145 -1.93 -1.30 -2.53
C ASN A 145 -0.58 -1.95 -2.27
N ILE A 146 -0.59 -3.29 -2.24
CA ILE A 146 0.60 -4.14 -2.26
C ILE A 146 0.62 -4.81 -3.66
N LEU A 147 1.75 -4.72 -4.36
CA LEU A 147 1.89 -5.40 -5.65
C LEU A 147 2.80 -6.65 -5.53
N VAL A 148 2.63 -7.61 -6.43
CA VAL A 148 3.32 -8.92 -6.37
C VAL A 148 4.12 -9.13 -7.63
N SER A 149 5.38 -9.54 -7.48
CA SER A 149 6.24 -9.78 -8.62
C SER A 149 6.02 -11.18 -9.19
N ASP A 150 6.61 -11.44 -10.36
CA ASP A 150 6.69 -12.80 -10.92
C ASP A 150 7.30 -13.86 -9.98
N THR A 151 8.22 -13.46 -9.09
CA THR A 151 8.87 -14.40 -8.13
C THR A 151 8.11 -14.53 -6.79
N LEU A 152 6.90 -13.99 -6.77
CA LEU A 152 6.05 -14.02 -5.61
C LEU A 152 6.67 -13.31 -4.41
N SER A 153 7.21 -12.13 -4.69
CA SER A 153 7.61 -11.23 -3.65
C SER A 153 6.70 -9.98 -3.68
N CYS A 154 6.65 -9.25 -2.58
CA CYS A 154 5.67 -8.17 -2.41
C CYS A 154 6.32 -6.81 -2.26
N LYS A 155 5.66 -5.77 -2.77
CA LYS A 155 6.13 -4.39 -2.59
C LYS A 155 5.01 -3.41 -2.24
N ILE A 156 5.31 -2.41 -1.41
CA ILE A 156 4.36 -1.32 -1.14
C ILE A 156 4.22 -0.45 -2.40
N ALA A 157 2.98 -0.05 -2.72
CA ALA A 157 2.74 0.83 -3.84
C ALA A 157 1.73 1.93 -3.46
N ASP A 158 1.43 2.77 -4.45
CA ASP A 158 0.49 3.87 -4.34
C ASP A 158 0.80 4.84 -3.20
N PHE A 159 1.73 5.74 -3.49
CA PHE A 159 2.24 6.68 -2.54
C PHE A 159 1.53 8.03 -2.62
N GLY A 160 0.36 8.07 -3.27
CA GLY A 160 -0.40 9.33 -3.46
C GLY A 160 -0.78 10.03 -2.15
N LEU A 161 -1.04 9.24 -1.11
CA LEU A 161 -1.39 9.80 0.21
C LEU A 161 -0.22 9.89 1.19
N ALA A 162 0.91 9.23 0.84
CA ALA A 162 2.11 9.22 1.68
C ALA A 162 2.62 10.64 2.01
N ARG A 163 3.13 10.81 3.22
CA ARG A 163 3.55 12.12 3.72
C ARG A 163 4.81 11.99 4.59
N LEU A 164 5.73 12.95 4.46
CA LEU A 164 6.85 13.06 5.37
C LEU A 164 6.39 13.70 6.67
N ILE A 165 6.70 13.08 7.79
CA ILE A 165 6.30 13.61 9.08
C ILE A 165 7.50 14.19 9.83
N GLU A 166 7.52 15.51 10.02
CA GLU A 166 8.52 16.13 10.92
C GLU A 166 8.17 16.03 12.43
N ASP A 167 6.92 16.39 12.78
CA ASP A 167 6.46 16.47 14.17
C ASP A 167 5.60 15.28 14.64
N ASN A 168 5.95 14.10 14.18
CA ASN A 168 5.20 12.88 14.52
C ASN A 168 3.81 12.72 13.90
N GLU A 169 3.15 13.85 13.61
CA GLU A 169 1.74 13.83 13.23
C GLU A 169 1.37 14.60 11.95
N PTR A 170 0.60 13.96 11.09
CA PTR A 170 -0.02 14.62 9.94
C PTR A 170 -1.52 14.77 10.20
O PTR A 170 -2.19 13.78 10.51
CB PTR A 170 0.30 14.00 8.56
CG PTR A 170 -0.52 14.56 7.40
CD1 PTR A 170 -0.02 15.53 6.54
CD2 PTR A 170 -1.78 14.07 7.16
CE1 PTR A 170 -0.79 16.03 5.49
CE2 PTR A 170 -2.55 14.54 6.11
CZ PTR A 170 -2.06 15.53 5.28
OH PTR A 170 -2.86 15.90 4.39
P PTR A 170 -2.65 16.96 3.19
O1P PTR A 170 -2.10 18.23 3.68
O2P PTR A 170 -1.70 16.43 2.12
O3P PTR A 170 -4.04 17.22 2.58
N THR A 171 -2.02 15.99 10.06
CA THR A 171 -3.43 16.27 10.31
C THR A 171 -4.13 16.64 8.99
N ALA A 172 -5.09 15.82 8.56
CA ALA A 172 -5.89 16.07 7.36
C ALA A 172 -7.02 17.08 7.62
N ARG A 173 -7.70 17.50 6.56
CA ARG A 173 -8.78 18.48 6.69
C ARG A 173 -10.12 17.92 7.26
N GLU A 174 -10.94 18.82 7.79
CA GLU A 174 -12.30 18.54 8.27
C GLU A 174 -13.10 17.63 7.34
N GLY A 175 -13.14 17.98 6.06
CA GLY A 175 -13.91 17.22 5.08
C GLY A 175 -13.36 15.85 4.67
N ALA A 176 -12.04 15.67 4.81
CA ALA A 176 -11.35 14.53 4.21
C ALA A 176 -11.84 13.15 4.65
N LYS A 177 -12.15 12.29 3.67
CA LYS A 177 -12.73 10.96 3.92
C LYS A 177 -11.74 9.83 3.64
N PHE A 178 -11.73 8.83 4.50
CA PHE A 178 -10.86 7.66 4.35
C PHE A 178 -11.67 6.37 4.59
N PRO A 179 -11.25 5.24 3.97
CA PRO A 179 -12.05 4.03 4.08
C PRO A 179 -12.13 3.54 5.51
N ILE A 180 -13.35 3.33 5.99
CA ILE A 180 -13.60 3.15 7.40
C ILE A 180 -12.98 1.86 7.95
N LYS A 181 -13.06 0.79 7.15
CA LYS A 181 -12.63 -0.54 7.56
C LYS A 181 -11.12 -0.68 7.77
N TRP A 182 -10.34 0.10 7.01
CA TRP A 182 -8.89 -0.01 6.98
C TRP A 182 -8.17 1.04 7.82
N THR A 183 -8.90 2.08 8.23
CA THR A 183 -8.30 3.28 8.82
C THR A 183 -8.41 3.30 10.37
N ALA A 184 -7.31 3.65 11.03
CA ALA A 184 -7.28 3.70 12.48
C ALA A 184 -8.31 4.73 12.97
N PRO A 185 -9.02 4.42 14.06
CA PRO A 185 -10.05 5.27 14.66
C PRO A 185 -9.64 6.76 14.80
N GLU A 186 -8.42 7.02 15.26
CA GLU A 186 -7.96 8.39 15.49
C GLU A 186 -7.86 9.18 14.19
N ALA A 187 -7.56 8.49 13.11
CA ALA A 187 -7.45 9.11 11.80
C ALA A 187 -8.86 9.42 11.29
N ILE A 188 -9.79 8.49 11.52
CA ILE A 188 -11.18 8.70 11.11
C ILE A 188 -11.84 9.80 11.94
N ASN A 189 -11.54 9.81 13.24
CA ASN A 189 -12.21 10.72 14.17
C ASN A 189 -11.65 12.16 14.27
N TYR A 190 -10.33 12.31 14.10
CA TYR A 190 -9.65 13.57 14.32
C TYR A 190 -8.81 14.00 13.12
N GLY A 191 -8.72 13.13 12.11
CA GLY A 191 -7.93 13.41 10.92
C GLY A 191 -6.43 13.30 11.19
N THR A 192 -6.06 12.77 12.36
CA THR A 192 -4.66 12.67 12.74
C THR A 192 -4.08 11.29 12.34
N PHE A 193 -3.00 11.31 11.58
CA PHE A 193 -2.30 10.10 11.13
C PHE A 193 -0.87 10.06 11.68
N THR A 194 -0.41 8.86 12.06
CA THR A 194 1.00 8.64 12.39
C THR A 194 1.40 7.27 11.81
N ILE A 195 2.64 6.85 12.03
CA ILE A 195 3.05 5.51 11.63
C ILE A 195 2.18 4.44 12.31
N LYS A 196 1.70 4.75 13.52
CA LYS A 196 0.83 3.82 14.28
C LYS A 196 -0.56 3.64 13.61
N SER A 197 -0.97 4.59 12.77
CA SER A 197 -2.22 4.51 12.05
C SER A 197 -2.01 3.55 10.91
N ASP A 198 -0.81 3.58 10.34
CA ASP A 198 -0.41 2.54 9.37
C ASP A 198 -0.32 1.18 10.06
N VAL A 199 0.11 1.13 11.31
CA VAL A 199 0.22 -0.17 11.97
C VAL A 199 -1.16 -0.80 12.10
N TRP A 200 -2.15 0.00 12.45
CA TRP A 200 -3.53 -0.49 12.55
C TRP A 200 -4.00 -1.03 11.17
N SER A 201 -3.66 -0.31 10.09
CA SER A 201 -4.05 -0.74 8.76
C SER A 201 -3.37 -2.05 8.38
N PHE A 202 -2.11 -2.22 8.77
CA PHE A 202 -1.40 -3.49 8.59
C PHE A 202 -2.17 -4.68 9.21
N GLY A 203 -2.69 -4.51 10.41
CA GLY A 203 -3.52 -5.53 11.03
C GLY A 203 -4.70 -5.94 10.12
N ILE A 204 -5.39 -4.96 9.53
CA ILE A 204 -6.52 -5.23 8.65
C ILE A 204 -6.00 -5.98 7.41
N LEU A 205 -4.86 -5.51 6.88
CA LEU A 205 -4.23 -6.10 5.72
C LEU A 205 -3.95 -7.58 5.97
N LEU A 206 -3.45 -7.90 7.16
CA LEU A 206 -3.27 -9.31 7.58
C LEU A 206 -4.54 -10.15 7.44
N THR A 207 -5.70 -9.60 7.77
CA THR A 207 -6.96 -10.34 7.58
C THR A 207 -7.24 -10.57 6.12
N GLU A 208 -6.83 -9.62 5.26
CA GLU A 208 -6.99 -9.81 3.83
C GLU A 208 -6.11 -10.91 3.33
N ILE A 209 -4.87 -10.98 3.85
CA ILE A 209 -3.93 -12.02 3.42
C ILE A 209 -4.51 -13.41 3.73
N VAL A 210 -4.94 -13.58 4.97
CA VAL A 210 -5.32 -14.89 5.44
C VAL A 210 -6.68 -15.37 4.89
N THR A 211 -7.52 -14.44 4.48
CA THR A 211 -8.81 -14.80 3.89
C THR A 211 -8.77 -14.79 2.33
N HIS A 212 -7.57 -14.70 1.76
CA HIS A 212 -7.41 -14.53 0.31
C HIS A 212 -8.21 -13.36 -0.28
N GLY A 213 -8.16 -12.21 0.39
CA GLY A 213 -8.64 -10.96 -0.19
C GLY A 213 -10.09 -10.62 0.03
N ARG A 214 -10.70 -11.26 1.02
CA ARG A 214 -12.05 -10.97 1.44
C ARG A 214 -12.13 -9.61 2.17
N ILE A 215 -13.30 -8.98 2.12
CA ILE A 215 -13.55 -7.70 2.77
C ILE A 215 -13.58 -7.83 4.31
N PRO A 216 -12.81 -6.95 5.01
CA PRO A 216 -12.76 -6.97 6.47
C PRO A 216 -14.14 -6.83 7.08
N TYR A 217 -14.25 -7.25 8.32
CA TYR A 217 -15.48 -7.21 9.09
C TYR A 217 -16.66 -7.83 8.31
N PRO A 218 -16.52 -9.13 7.94
CA PRO A 218 -17.54 -9.82 7.14
C PRO A 218 -18.93 -9.47 7.63
N GLY A 219 -19.74 -8.95 6.72
CA GLY A 219 -21.17 -8.78 6.99
C GLY A 219 -21.52 -7.57 7.84
N MET A 220 -20.61 -6.60 7.92
CA MET A 220 -20.86 -5.41 8.73
C MET A 220 -20.77 -4.17 7.87
N THR A 221 -21.69 -3.24 8.12
CA THR A 221 -21.65 -1.90 7.56
C THR A 221 -20.64 -1.05 8.33
N ASN A 222 -20.27 0.08 7.75
CA ASN A 222 -19.34 0.99 8.42
C ASN A 222 -19.75 1.44 9.81
N PRO A 223 -21.04 1.80 10.02
CA PRO A 223 -21.51 2.20 11.34
C PRO A 223 -21.46 1.07 12.36
N GLU A 224 -21.71 -0.17 11.90
CA GLU A 224 -21.61 -1.33 12.80
C GLU A 224 -20.16 -1.54 13.25
N VAL A 225 -19.22 -1.37 12.32
CA VAL A 225 -17.79 -1.46 12.63
C VAL A 225 -17.39 -0.42 13.68
N ILE A 226 -17.70 0.84 13.41
CA ILE A 226 -17.42 1.93 14.33
C ILE A 226 -18.05 1.63 15.69
N GLN A 227 -19.30 1.20 15.69
CA GLN A 227 -20.01 0.87 16.91
C GLN A 227 -19.29 -0.27 17.67
N ASN A 228 -18.89 -1.33 16.96
CA ASN A 228 -18.22 -2.46 17.61
C ASN A 228 -16.87 -2.08 18.22
N LEU A 229 -16.04 -1.38 17.46
CA LEU A 229 -14.74 -0.92 17.95
C LEU A 229 -14.82 -0.10 19.23
N GLU A 230 -15.82 0.77 19.31
CA GLU A 230 -16.02 1.59 20.49
C GLU A 230 -16.41 0.79 21.72
N ARG A 231 -17.08 -0.35 21.54
CA ARG A 231 -17.37 -1.24 22.68
C ARG A 231 -16.12 -1.98 23.16
N GLY A 232 -15.07 -2.01 22.35
CA GLY A 232 -13.87 -2.76 22.70
C GLY A 232 -13.67 -4.05 21.92
N TYR A 233 -14.67 -4.42 21.12
CA TYR A 233 -14.56 -5.53 20.18
C TYR A 233 -13.58 -5.18 19.08
N ARG A 234 -12.99 -6.22 18.51
CA ARG A 234 -12.13 -6.10 17.34
C ARG A 234 -12.66 -7.08 16.30
N MET A 235 -12.09 -7.11 15.10
CA MET A 235 -12.62 -8.02 14.07
C MET A 235 -12.65 -9.44 14.65
N VAL A 236 -13.77 -10.10 14.40
CA VAL A 236 -13.93 -11.55 14.64
C VAL A 236 -12.83 -12.35 13.95
N ARG A 237 -12.28 -13.33 14.67
CA ARG A 237 -11.32 -14.29 14.12
C ARG A 237 -11.68 -14.77 12.72
N PRO A 238 -10.87 -14.40 11.70
CA PRO A 238 -11.16 -14.94 10.37
C PRO A 238 -11.10 -16.46 10.38
N ASP A 239 -11.88 -17.10 9.49
CA ASP A 239 -11.83 -18.56 9.30
C ASP A 239 -10.39 -18.95 8.97
N ASN A 240 -9.93 -20.07 9.54
CA ASN A 240 -8.58 -20.59 9.27
C ASN A 240 -7.40 -19.61 9.52
N CYS A 241 -7.55 -18.74 10.52
CA CYS A 241 -6.46 -17.83 10.90
C CYS A 241 -5.71 -18.50 12.05
N PRO A 242 -4.38 -18.68 11.93
CA PRO A 242 -3.66 -19.17 13.09
C PRO A 242 -3.88 -18.18 14.25
N GLU A 243 -4.13 -18.72 15.44
CA GLU A 243 -4.26 -17.89 16.63
C GLU A 243 -3.05 -16.97 16.84
N GLU A 244 -1.86 -17.43 16.51
CA GLU A 244 -0.68 -16.62 16.65
C GLU A 244 -0.77 -15.33 15.88
N LEU A 245 -1.17 -15.46 14.62
CA LEU A 245 -1.34 -14.31 13.72
C LEU A 245 -2.50 -13.48 14.19
N TYR A 246 -3.59 -14.13 14.61
CA TYR A 246 -4.69 -13.36 15.15
C TYR A 246 -4.24 -12.45 16.32
N GLN A 247 -3.35 -12.95 17.19
CA GLN A 247 -2.93 -12.14 18.36
C GLN A 247 -2.02 -10.99 17.91
N LEU A 248 -1.29 -11.21 16.83
CA LEU A 248 -0.47 -10.18 16.24
C LEU A 248 -1.34 -9.05 15.61
N MET A 249 -2.47 -9.41 15.01
CA MET A 249 -3.43 -8.42 14.49
C MET A 249 -3.99 -7.57 15.66
N ARG A 250 -4.38 -8.25 16.75
CA ARG A 250 -4.83 -7.58 17.98
C ARG A 250 -3.83 -6.53 18.52
N LEU A 251 -2.55 -6.87 18.53
CA LEU A 251 -1.48 -5.89 18.86
C LEU A 251 -1.57 -4.65 17.97
N CYS A 252 -1.86 -4.84 16.70
CA CYS A 252 -2.01 -3.71 15.76
C CYS A 252 -3.26 -2.87 16.05
N TRP A 253 -4.25 -3.49 16.69
CA TRP A 253 -5.51 -2.81 16.92
C TRP A 253 -5.64 -2.28 18.33
N LYS A 254 -4.52 -2.11 19.02
CA LYS A 254 -4.54 -1.55 20.36
C LYS A 254 -5.16 -0.15 20.37
N GLU A 255 -5.97 0.07 21.38
CA GLU A 255 -6.65 1.36 21.58
C GLU A 255 -5.69 2.57 21.46
N ARG A 256 -4.63 2.59 22.23
CA ARG A 256 -3.71 3.74 22.17
C ARG A 256 -2.69 3.56 21.09
N PRO A 257 -2.56 4.53 20.19
CA PRO A 257 -1.56 4.43 19.16
C PRO A 257 -0.19 4.01 19.69
N GLU A 258 0.25 4.60 20.80
CA GLU A 258 1.63 4.37 21.23
C GLU A 258 1.85 2.94 21.77
N ASP A 259 0.77 2.23 22.08
CA ASP A 259 0.91 0.82 22.51
C ASP A 259 1.01 -0.15 21.35
N ARG A 260 0.69 0.30 20.15
CA ARG A 260 0.85 -0.54 18.93
C ARG A 260 2.32 -0.75 18.63
N PRO A 261 2.71 -1.96 18.14
CA PRO A 261 4.11 -2.27 17.96
C PRO A 261 4.68 -1.47 16.81
N THR A 262 6.02 -1.50 16.70
CA THR A 262 6.71 -0.92 15.54
C THR A 262 6.64 -1.90 14.35
N PHE A 263 6.88 -1.39 13.14
CA PHE A 263 6.91 -2.25 11.95
C PHE A 263 8.14 -3.17 11.92
N ASP A 264 9.26 -2.71 12.48
CA ASP A 264 10.39 -3.62 12.59
C ASP A 264 10.07 -4.80 13.50
N TYR A 265 9.29 -4.55 14.53
CA TYR A 265 8.86 -5.64 15.41
C TYR A 265 7.94 -6.61 14.67
N LEU A 266 7.01 -6.05 13.89
CA LEU A 266 6.08 -6.87 13.16
C LEU A 266 6.85 -7.78 12.18
N ARG A 267 7.83 -7.19 11.46
CA ARG A 267 8.66 -7.93 10.53
C ARG A 267 9.31 -9.11 11.24
N SER A 268 9.95 -8.78 12.34
CA SER A 268 10.66 -9.71 13.16
C SER A 268 9.75 -10.86 13.58
N VAL A 269 8.58 -10.55 14.12
CA VAL A 269 7.73 -11.60 14.60
C VAL A 269 7.27 -12.50 13.44
N LEU A 270 6.84 -11.88 12.35
CA LEU A 270 6.37 -12.63 11.21
C LEU A 270 7.46 -13.53 10.58
N GLU A 271 8.69 -13.05 10.51
CA GLU A 271 9.79 -13.94 10.09
C GLU A 271 9.95 -15.18 10.96
N ASP A 272 9.77 -15.02 12.27
CA ASP A 272 9.75 -16.13 13.21
C ASP A 272 8.59 -17.08 12.94
N PHE A 273 7.42 -16.52 12.60
CA PHE A 273 6.24 -17.31 12.32
C PHE A 273 6.50 -18.13 11.04
N PHE A 274 7.26 -17.54 10.13
CA PHE A 274 7.51 -18.15 8.84
C PHE A 274 8.52 -19.30 8.93
N THR A 275 9.66 -19.06 9.56
CA THR A 275 10.69 -20.08 9.68
C THR A 275 10.26 -21.24 10.60
N ALA A 276 9.24 -21.01 11.42
CA ALA A 276 8.68 -22.03 12.30
C ALA A 276 7.68 -22.95 11.59
N THR A 277 7.19 -22.50 10.43
CA THR A 277 6.29 -23.30 9.57
C THR A 277 6.99 -23.77 8.29
N GLU A 278 6.33 -24.06 7.28
S SO4 B . 12.93 -8.31 -4.84
O1 SO4 B . 13.60 -9.33 -5.61
O2 SO4 B . 13.63 -8.07 -3.59
O3 SO4 B . 11.56 -8.73 -4.53
O4 SO4 B . 12.95 -7.06 -5.57
S SO4 C . 8.38 -10.82 22.44
O1 SO4 C . 9.58 -11.65 22.41
O2 SO4 C . 7.39 -11.37 23.37
O3 SO4 C . 7.78 -10.77 21.10
O4 SO4 C . 8.78 -9.48 22.89
S DMS D . 8.96 19.14 -20.78
O DMS D . 9.02 19.64 -22.52
C1 DMS D . 7.73 20.13 -19.87
C2 DMS D . 8.31 17.45 -20.66
C1 KSS E . 1.69 -3.18 -12.21
N2 KSS E . 0.95 -2.15 -11.78
C3 KSS E . 1.71 -0.99 -11.37
C4 KSS E . 3.08 -1.55 -11.59
N5 KSS E . 2.98 -2.82 -12.09
C6 KSS E . 1.07 -4.34 -12.64
C7 KSS E . -0.30 -4.38 -12.61
N8 KSS E . -1.00 -3.30 -12.16
C9 KSS E . -0.37 -2.17 -11.75
S12 KSS E . -1.26 -0.81 -11.23
C13 KSS E . -2.97 -1.27 -11.23
C14 KSS E . -3.42 -1.62 -12.63
C21 KSS E . -1.04 -5.58 -13.06
C22 KSS E . -0.39 -6.74 -13.50
C23 KSS E . -1.12 -7.85 -13.92
C24 KSS E . -2.52 -7.83 -13.95
C25 KSS E . -3.22 -6.56 -13.52
C26 KSS E . -2.44 -5.49 -13.09
O30 KSS E . -3.21 -8.95 -14.36
O31 KSS E . -4.58 -6.44 -13.49
C32 KSS E . -4.65 -9.07 -14.33
C36 KSS E . -5.29 -5.53 -14.34
#